data_6BRC
#
_entry.id   6BRC
#
_cell.length_a   54.800
_cell.length_b   54.861
_cell.length_c   56.633
_cell.angle_alpha   72.38
_cell.angle_beta   78.35
_cell.angle_gamma   89.74
#
_symmetry.space_group_name_H-M   'P 1'
#
loop_
_entity.id
_entity.type
_entity.pdbx_description
1 polymer 'Calcium/calmodulin-dependent protein kinase kinase 2'
2 non-polymer 5-chloro-N~2~-{4-[4-(dimethylamino)piperidin-1-yl]-2-methoxyphenyl}-N~4~-[2-(dimethylphosphoryl)phenyl]pyrimidine-2,4-diamine
3 non-polymer 'SODIUM ION'
4 water water
#
_entity_poly.entity_id   1
_entity_poly.type   'polypeptide(L)'
_entity_poly.pdbx_seq_one_letter_code
;SMQLNQYTLKDEIGKGSYGVVKLAYNENDNTYYAMKVLSKKKLIRQAGFPRRPPPRGTRPAPGGCIQPRGPIEQVYQEIA
ILKKLDHPNVVKLVEVLDDPNEDHLYMVFELVNQGPVMEVPTLKPLSEDQARFYFQDLIKGIEYLHYQKIIHRDIKPSNL
LVGEDGHIKIADFGVSNEFKGSDALLSNTVGTPAFMAPESLSETRKIFSGKALDVWAMGVTLYCFVFGQCPFMDERIMCL
HSKIKSQALEFPDQPDIAEDLKDLITRMLDKNPESRIVVPEIKLHPWVTRH
;
_entity_poly.pdbx_strand_id   A,B
#
loop_
_chem_comp.id
_chem_comp.type
_chem_comp.name
_chem_comp.formula
E5J non-polymer 5-chloro-N~2~-{4-[4-(dimethylamino)piperidin-1-yl]-2-methoxyphenyl}-N~4~-[2-(dimethylphosphoryl)phenyl]pyrimidine-2,4-diamine 'C26 H34 Cl N6 O2 P'
NA non-polymer 'SODIUM ION' 'Na 1'
#
# COMPACT_ATOMS: atom_id res chain seq x y z
N SER A 1 13.16 -24.05 18.59
CA SER A 1 13.99 -22.82 18.64
C SER A 1 15.45 -23.04 18.15
N MET A 2 15.66 -22.92 16.84
CA MET A 2 16.98 -23.08 16.19
C MET A 2 18.07 -22.29 16.93
N GLN A 3 19.19 -22.94 17.23
CA GLN A 3 20.38 -22.32 17.84
C GLN A 3 21.36 -21.81 16.78
N LEU A 4 21.81 -20.56 16.88
CA LEU A 4 22.88 -20.02 16.04
C LEU A 4 23.95 -19.38 16.92
N ASN A 5 25.10 -20.02 17.04
CA ASN A 5 26.18 -19.60 17.95
C ASN A 5 25.62 -19.41 19.37
N GLN A 6 25.91 -18.28 20.03
CA GLN A 6 25.37 -17.98 21.36
C GLN A 6 23.83 -17.83 21.44
N TYR A 7 23.14 -17.67 20.31
CA TYR A 7 21.74 -17.30 20.31
C TYR A 7 20.85 -18.47 20.11
N THR A 8 19.66 -18.35 20.68
CA THR A 8 18.56 -19.27 20.48
C THR A 8 17.42 -18.45 19.90
N LEU A 9 17.03 -18.75 18.66
CA LEU A 9 15.98 -18.01 17.98
C LEU A 9 14.63 -18.49 18.49
N LYS A 10 13.76 -17.54 18.86
CA LYS A 10 12.40 -17.82 19.32
C LYS A 10 11.42 -17.34 18.24
N ASP A 11 10.21 -16.92 18.62
CA ASP A 11 9.19 -16.50 17.65
C ASP A 11 9.69 -15.44 16.66
N GLU A 12 9.05 -15.49 15.49
CA GLU A 12 9.10 -14.43 14.54
C GLU A 12 8.39 -13.28 15.18
N ILE A 13 9.00 -12.11 15.13
CA ILE A 13 8.33 -10.88 15.61
C ILE A 13 7.87 -10.00 14.47
N GLY A 14 8.53 -10.08 13.33
CA GLY A 14 7.94 -9.57 12.10
C GLY A 14 8.76 -9.89 10.88
N LYS A 15 8.43 -9.19 9.80
CA LYS A 15 9.17 -9.30 8.55
C LYS A 15 9.57 -7.90 8.13
N GLY A 16 10.73 -7.81 7.52
CA GLY A 16 11.11 -6.63 6.78
C GLY A 16 10.86 -6.91 5.31
N SER A 17 11.50 -6.11 4.45
CA SER A 17 11.39 -6.28 3.01
C SER A 17 11.86 -7.65 2.55
N TYR A 18 13.05 -8.03 3.00
CA TYR A 18 13.59 -9.38 2.77
C TYR A 18 13.87 -10.04 4.13
N GLY A 19 13.69 -11.35 4.18
CA GLY A 19 13.88 -12.09 5.41
C GLY A 19 12.91 -11.85 6.55
N VAL A 20 13.28 -12.35 7.73
CA VAL A 20 12.43 -12.29 8.93
C VAL A 20 13.19 -11.68 10.09
N VAL A 21 12.43 -11.17 11.06
CA VAL A 21 12.99 -10.70 12.32
C VAL A 21 12.50 -11.59 13.44
N LYS A 22 13.46 -12.20 14.15
CA LYS A 22 13.15 -13.11 15.23
C LYS A 22 13.64 -12.58 16.55
N LEU A 23 12.84 -12.76 17.58
CA LEU A 23 13.31 -12.65 18.95
C LEU A 23 14.41 -13.69 19.17
N ALA A 24 15.50 -13.28 19.81
CA ALA A 24 16.63 -14.18 20.06
C ALA A 24 17.17 -14.04 21.47
N TYR A 25 17.34 -15.16 22.18
CA TYR A 25 17.89 -15.17 23.55
C TYR A 25 19.37 -15.47 23.44
N ASN A 26 20.19 -14.70 24.14
CA ASN A 26 21.64 -14.90 24.12
C ASN A 26 22.06 -15.61 25.41
N GLU A 27 22.79 -16.72 25.25
CA GLU A 27 23.25 -17.55 26.39
C GLU A 27 24.52 -16.95 27.08
N ASN A 28 25.44 -16.32 26.33
CA ASN A 28 26.54 -15.54 26.93
C ASN A 28 26.01 -14.42 27.85
N ASP A 29 24.99 -13.68 27.40
CA ASP A 29 24.50 -12.46 28.06
C ASP A 29 23.31 -12.66 29.00
N ASN A 30 22.53 -13.72 28.84
CA ASN A 30 21.20 -13.84 29.52
C ASN A 30 20.24 -12.66 29.19
N THR A 31 20.19 -12.29 27.91
CA THR A 31 19.26 -11.25 27.42
C THR A 31 18.80 -11.48 25.98
N TYR A 32 17.74 -10.77 25.61
CA TYR A 32 17.07 -10.95 24.34
C TYR A 32 17.54 -9.89 23.35
N TYR A 33 17.57 -10.30 22.08
CA TYR A 33 17.89 -9.46 20.94
C TYR A 33 16.88 -9.66 19.83
N ALA A 34 16.90 -8.75 18.87
CA ALA A 34 16.11 -8.88 17.64
C ALA A 34 17.11 -9.32 16.56
N MET A 35 16.81 -10.43 15.90
CA MET A 35 17.69 -10.92 14.86
C MET A 35 17.03 -10.87 13.50
N LYS A 36 17.57 -10.08 12.60
CA LYS A 36 17.14 -10.06 11.19
C LYS A 36 17.84 -11.22 10.50
N VAL A 37 17.07 -12.15 9.96
CA VAL A 37 17.62 -13.30 9.21
C VAL A 37 17.35 -13.12 7.71
N LEU A 38 18.41 -12.91 6.91
CA LEU A 38 18.28 -12.74 5.44
C LEU A 38 18.84 -13.90 4.61
N SER A 39 18.06 -14.39 3.65
CA SER A 39 18.54 -15.36 2.65
C SER A 39 19.30 -14.68 1.49
N LYS A 40 20.60 -14.95 1.36
CA LYS A 40 21.41 -14.39 0.26
C LYS A 40 21.01 -14.86 -1.13
N LYS A 41 20.48 -16.07 -1.24
CA LYS A 41 19.85 -16.53 -2.49
C LYS A 41 18.80 -15.51 -2.93
N LYS A 42 17.82 -15.26 -2.06
CA LYS A 42 16.72 -14.33 -2.38
C LYS A 42 17.18 -12.89 -2.63
N LEU A 43 18.25 -12.44 -1.96
CA LEU A 43 18.80 -11.09 -2.19
C LEU A 43 19.63 -11.00 -3.51
N ILE A 44 20.34 -12.08 -3.84
CA ILE A 44 21.09 -12.17 -5.10
C ILE A 44 20.21 -12.31 -6.36
N ARG A 45 18.93 -12.67 -6.20
CA ARG A 45 17.99 -12.78 -7.32
C ARG A 45 17.39 -11.42 -7.71
N GLN A 46 16.92 -10.66 -6.71
CA GLN A 46 16.35 -9.29 -6.92
C GLN A 46 17.42 -8.22 -6.99
N ILE A 72 20.90 -8.24 -1.90
CA ILE A 72 21.07 -6.81 -2.14
C ILE A 72 22.50 -6.30 -1.85
N GLU A 73 22.86 -5.19 -2.49
CA GLU A 73 23.91 -4.28 -2.04
C GLU A 73 23.27 -3.24 -1.09
N GLN A 74 21.92 -3.20 -1.11
CA GLN A 74 21.05 -2.57 -0.11
C GLN A 74 21.28 -3.02 1.35
N VAL A 75 21.83 -4.22 1.53
CA VAL A 75 22.13 -4.79 2.86
C VAL A 75 23.45 -4.25 3.43
N TYR A 76 24.46 -4.11 2.60
CA TYR A 76 25.81 -3.77 3.09
C TYR A 76 26.04 -2.27 3.27
N GLN A 77 25.26 -1.47 2.52
CA GLN A 77 25.20 0.00 2.74
C GLN A 77 24.49 0.32 4.06
N GLU A 78 23.39 -0.39 4.35
CA GLU A 78 22.62 -0.23 5.57
C GLU A 78 23.49 -0.56 6.77
N ILE A 79 24.22 -1.67 6.65
CA ILE A 79 25.19 -2.09 7.66
C ILE A 79 26.28 -1.05 7.90
N ALA A 80 26.83 -0.48 6.83
CA ALA A 80 27.83 0.58 6.93
C ALA A 80 27.28 1.84 7.60
N ILE A 81 26.04 2.17 7.32
CA ILE A 81 25.33 3.28 7.98
C ILE A 81 25.11 2.96 9.47
N LEU A 82 24.56 1.78 9.75
CA LEU A 82 24.25 1.40 11.12
C LEU A 82 25.46 1.41 12.05
N LYS A 83 26.60 0.91 11.56
CA LYS A 83 27.89 0.99 12.27
C LYS A 83 28.34 2.40 12.68
N LYS A 84 28.00 3.42 11.90
CA LYS A 84 28.29 4.81 12.27
C LYS A 84 27.34 5.41 13.32
N LEU A 85 26.25 4.74 13.72
CA LEU A 85 25.15 5.39 14.45
C LEU A 85 25.00 4.96 15.90
N ASP A 86 25.12 5.92 16.81
CA ASP A 86 25.10 5.68 18.25
C ASP A 86 24.33 6.81 18.89
N HIS A 87 23.05 6.54 19.20
CA HIS A 87 22.11 7.55 19.73
C HIS A 87 20.99 6.80 20.40
N PRO A 88 20.50 7.29 21.57
CA PRO A 88 19.46 6.55 22.29
C PRO A 88 18.11 6.52 21.59
N ASN A 89 17.90 7.39 20.61
CA ASN A 89 16.72 7.33 19.74
C ASN A 89 16.99 6.69 18.39
N VAL A 90 18.00 5.85 18.28
CA VAL A 90 18.22 5.10 17.07
C VAL A 90 18.53 3.66 17.46
N VAL A 91 17.89 2.68 16.81
CA VAL A 91 18.25 1.26 17.01
C VAL A 91 19.75 1.00 16.88
N LYS A 92 20.26 0.06 17.67
CA LYS A 92 21.67 -0.23 17.76
C LYS A 92 21.88 -1.58 17.11
N LEU A 93 22.81 -1.63 16.19
CA LEU A 93 23.23 -2.88 15.56
C LEU A 93 24.37 -3.41 16.41
N VAL A 94 24.26 -4.64 16.89
CA VAL A 94 25.29 -5.14 17.81
C VAL A 94 26.30 -6.04 17.13
N GLU A 95 25.87 -6.83 16.15
CA GLU A 95 26.79 -7.64 15.40
C GLU A 95 26.15 -8.18 14.16
N VAL A 96 27.03 -8.40 13.19
CA VAL A 96 26.71 -9.03 11.94
C VAL A 96 27.40 -10.40 11.86
N LEU A 97 26.62 -11.45 11.61
CA LEU A 97 27.12 -12.80 11.39
C LEU A 97 27.05 -13.10 9.87
N ASP A 98 28.18 -12.88 9.20
CA ASP A 98 28.29 -13.07 7.75
C ASP A 98 29.35 -14.15 7.47
N ASP A 99 28.87 -15.38 7.29
CA ASP A 99 29.68 -16.51 6.85
C ASP A 99 29.73 -16.47 5.30
N PRO A 100 30.95 -16.40 4.69
CA PRO A 100 30.98 -16.39 3.21
C PRO A 100 30.49 -17.68 2.54
N ASN A 101 30.59 -18.81 3.25
CA ASN A 101 30.18 -20.12 2.73
C ASN A 101 28.82 -20.61 3.25
N GLU A 102 28.05 -19.75 3.92
CA GLU A 102 26.63 -20.03 4.24
C GLU A 102 25.69 -19.10 3.43
N ASP A 103 24.42 -19.50 3.35
CA ASP A 103 23.39 -18.74 2.62
C ASP A 103 22.83 -17.61 3.49
N HIS A 104 22.59 -17.90 4.78
CA HIS A 104 21.96 -16.90 5.64
C HIS A 104 22.97 -15.82 6.07
N LEU A 105 22.52 -14.58 6.15
CA LEU A 105 23.27 -13.49 6.77
C LEU A 105 22.40 -13.00 7.94
N TYR A 106 23.00 -12.93 9.13
CA TYR A 106 22.29 -12.53 10.34
C TYR A 106 22.72 -11.13 10.74
N MET A 107 21.77 -10.37 11.25
CA MET A 107 22.02 -9.03 11.75
C MET A 107 21.33 -8.94 13.11
N VAL A 108 22.13 -8.65 14.13
CA VAL A 108 21.65 -8.66 15.50
C VAL A 108 21.48 -7.24 15.98
N PHE A 109 20.28 -6.92 16.44
CA PHE A 109 19.94 -5.62 17.01
C PHE A 109 19.58 -5.73 18.49
N GLU A 110 19.76 -4.64 19.23
CA GLU A 110 19.18 -4.50 20.56
C GLU A 110 17.67 -4.55 20.45
N LEU A 111 17.03 -5.36 21.27
CA LEU A 111 15.59 -5.48 21.23
C LEU A 111 14.97 -4.22 21.84
N VAL A 112 13.94 -3.72 21.15
CA VAL A 112 13.17 -2.58 21.60
C VAL A 112 11.82 -3.21 21.97
N ASN A 113 11.63 -3.42 23.27
CA ASN A 113 10.74 -4.50 23.74
C ASN A 113 9.24 -4.26 23.61
N GLN A 114 8.81 -3.01 23.48
CA GLN A 114 7.38 -2.71 23.31
C GLN A 114 6.87 -2.70 21.88
N GLY A 115 7.76 -2.84 20.89
CA GLY A 115 7.32 -2.84 19.50
C GLY A 115 6.95 -1.44 19.01
N PRO A 116 6.31 -1.36 17.83
CA PRO A 116 5.97 -0.08 17.22
C PRO A 116 5.07 0.80 18.08
N VAL A 117 5.16 2.11 17.85
CA VAL A 117 4.39 3.08 18.64
C VAL A 117 2.90 2.94 18.37
N MET A 118 2.54 2.57 17.14
CA MET A 118 1.16 2.23 16.81
C MET A 118 1.03 1.51 15.49
N GLU A 119 -0.16 0.94 15.27
CA GLU A 119 -0.58 0.41 13.97
C GLU A 119 -1.46 1.45 13.31
N VAL A 120 -1.30 1.60 12.01
CA VAL A 120 -2.08 2.56 11.22
C VAL A 120 -2.70 1.75 10.10
N PRO A 121 -4.00 1.90 9.80
CA PRO A 121 -4.95 2.72 10.55
C PRO A 121 -5.32 2.11 11.89
N THR A 122 -5.74 2.96 12.82
CA THR A 122 -6.30 2.53 14.11
C THR A 122 -7.43 3.44 14.56
N LEU A 123 -8.45 2.85 15.17
CA LEU A 123 -9.53 3.60 15.81
C LEU A 123 -9.12 4.16 17.20
N LYS A 124 -8.03 3.67 17.77
CA LYS A 124 -7.48 4.17 19.04
C LYS A 124 -6.17 4.97 18.87
N PRO A 125 -6.21 6.21 18.31
CA PRO A 125 -4.97 7.00 18.18
C PRO A 125 -4.37 7.44 19.51
N LEU A 126 -3.15 7.99 19.47
CA LEU A 126 -2.53 8.51 20.69
C LEU A 126 -3.21 9.80 21.12
N SER A 127 -3.05 10.12 22.39
CA SER A 127 -3.47 11.41 22.89
C SER A 127 -2.47 12.42 22.40
N GLU A 128 -2.88 13.68 22.43
CA GLU A 128 -2.00 14.81 22.07
C GLU A 128 -0.69 14.86 22.92
N ASP A 129 -0.79 14.45 24.18
CA ASP A 129 0.35 14.44 25.09
C ASP A 129 1.28 13.29 24.87
N GLN A 130 0.73 12.12 24.57
CA GLN A 130 1.57 10.97 24.21
C GLN A 130 2.26 11.27 22.85
N ALA A 131 1.51 11.81 21.90
CA ALA A 131 2.05 12.23 20.62
C ALA A 131 3.23 13.22 20.76
N ARG A 132 3.11 14.21 21.65
CA ARG A 132 4.18 15.18 21.85
C ARG A 132 5.45 14.52 22.38
N PHE A 133 5.28 13.62 23.33
CA PHE A 133 6.41 12.91 23.93
C PHE A 133 7.23 12.16 22.87
N TYR A 134 6.54 11.37 22.06
CA TYR A 134 7.18 10.62 20.99
C TYR A 134 7.70 11.54 19.91
N PHE A 135 6.97 12.61 19.61
CA PHE A 135 7.39 13.55 18.58
C PHE A 135 8.69 14.28 18.96
N GLN A 136 8.85 14.56 20.25
CA GLN A 136 10.12 15.11 20.75
C GLN A 136 11.26 14.15 20.59
N ASP A 137 11.04 12.88 20.88
CA ASP A 137 12.05 11.86 20.63
C ASP A 137 12.47 11.77 19.14
N LEU A 138 11.48 11.83 18.26
CA LEU A 138 11.69 11.78 16.83
C LEU A 138 12.52 12.94 16.32
N ILE A 139 12.24 14.15 16.82
CA ILE A 139 13.03 15.31 16.47
C ILE A 139 14.48 15.07 16.87
N LYS A 140 14.68 14.63 18.12
CA LYS A 140 16.05 14.39 18.59
C LYS A 140 16.78 13.38 17.68
N GLY A 141 16.10 12.28 17.32
CA GLY A 141 16.68 11.22 16.48
C GLY A 141 16.98 11.67 15.05
N ILE A 142 16.05 12.38 14.44
CA ILE A 142 16.21 12.84 13.07
C ILE A 142 17.29 13.89 12.96
N GLU A 143 17.38 14.71 14.00
CA GLU A 143 18.40 15.73 14.09
C GLU A 143 19.78 15.10 14.14
N TYR A 144 19.94 14.06 14.96
CA TYR A 144 21.16 13.29 14.98
C TYR A 144 21.46 12.70 13.61
N LEU A 145 20.45 12.09 12.98
CA LEU A 145 20.65 11.45 11.69
C LEU A 145 21.05 12.51 10.68
N HIS A 146 20.37 13.66 10.67
CA HIS A 146 20.76 14.71 9.75
C HIS A 146 22.15 15.28 10.03
N TYR A 147 22.54 15.34 11.31
CA TYR A 147 23.89 15.75 11.68
C TYR A 147 24.93 14.74 11.13
N GLN A 148 24.71 13.45 11.34
CA GLN A 148 25.55 12.39 10.71
C GLN A 148 25.47 12.26 9.20
N LYS A 149 24.75 13.15 8.52
CA LYS A 149 24.53 13.13 7.07
C LYS A 149 23.85 11.88 6.57
N ILE A 150 22.78 11.51 7.28
CA ILE A 150 21.88 10.44 6.89
C ILE A 150 20.44 10.93 6.71
N ILE A 151 19.88 10.66 5.53
CA ILE A 151 18.46 10.81 5.28
C ILE A 151 17.85 9.41 5.41
N HIS A 152 16.95 9.25 6.38
CA HIS A 152 16.25 7.99 6.65
C HIS A 152 15.38 7.49 5.47
N ARG A 153 14.50 8.38 4.97
CA ARG A 153 13.60 8.14 3.79
C ARG A 153 12.41 7.17 3.98
N ASP A 154 12.17 6.76 5.21
CA ASP A 154 11.05 5.86 5.54
C ASP A 154 10.58 6.11 6.98
N ILE A 155 10.40 7.39 7.32
CA ILE A 155 9.88 7.75 8.63
C ILE A 155 8.37 7.48 8.62
N LYS A 156 7.94 6.63 9.55
CA LYS A 156 6.56 6.26 9.69
C LYS A 156 6.38 5.51 11.03
N PRO A 157 5.12 5.42 11.49
CA PRO A 157 4.92 4.88 12.85
C PRO A 157 5.44 3.46 13.07
N SER A 158 5.30 2.60 12.05
CA SER A 158 5.79 1.23 12.20
C SER A 158 7.32 1.12 12.24
N ASN A 159 8.05 2.17 11.84
CA ASN A 159 9.51 2.20 12.05
C ASN A 159 10.00 2.90 13.33
N LEU A 160 9.05 3.28 14.20
CA LEU A 160 9.37 3.95 15.44
C LEU A 160 9.03 3.01 16.60
N LEU A 161 10.06 2.44 17.21
CA LEU A 161 9.88 1.36 18.16
C LEU A 161 9.98 1.92 19.57
N VAL A 162 9.01 1.56 20.40
CA VAL A 162 8.94 2.00 21.81
C VAL A 162 9.79 1.09 22.71
N GLY A 163 10.75 1.67 23.43
CA GLY A 163 11.62 0.90 24.35
C GLY A 163 11.10 0.68 25.77
N GLU A 164 11.93 0.01 26.60
CA GLU A 164 11.66 -0.20 28.06
C GLU A 164 11.32 1.13 28.78
N ASP A 165 12.14 2.15 28.52
CA ASP A 165 11.97 3.49 29.14
C ASP A 165 10.80 4.33 28.61
N GLY A 166 9.96 3.80 27.71
CA GLY A 166 8.90 4.58 27.04
C GLY A 166 9.32 5.45 25.85
N HIS A 167 10.62 5.48 25.52
CA HIS A 167 11.16 6.29 24.44
C HIS A 167 11.21 5.52 23.12
N ILE A 168 11.27 6.26 22.02
CA ILE A 168 11.29 5.65 20.68
C ILE A 168 12.68 5.58 20.07
N LYS A 169 12.87 4.55 19.27
CA LYS A 169 14.08 4.34 18.54
C LYS A 169 13.68 4.23 17.09
N ILE A 170 14.38 4.99 16.26
CA ILE A 170 14.15 4.99 14.84
C ILE A 170 14.81 3.74 14.31
N ALA A 171 14.04 2.95 13.59
CA ALA A 171 14.50 1.70 12.99
C ALA A 171 14.34 1.70 11.43
N ASP A 172 14.93 0.64 10.87
CA ASP A 172 14.88 0.29 9.42
C ASP A 172 15.53 1.30 8.46
N PHE A 173 16.86 1.21 8.36
CA PHE A 173 17.66 2.06 7.44
C PHE A 173 17.83 1.43 6.04
N GLY A 174 16.91 0.56 5.64
CA GLY A 174 17.06 -0.19 4.38
C GLY A 174 17.02 0.61 3.10
N VAL A 175 16.49 1.83 3.14
CA VAL A 175 16.47 2.73 1.98
C VAL A 175 17.06 4.11 2.29
N SER A 176 17.83 4.21 3.37
CA SER A 176 18.42 5.48 3.74
C SER A 176 19.56 5.86 2.77
N ASN A 177 19.88 7.16 2.74
CA ASN A 177 20.96 7.65 1.92
C ASN A 177 21.91 8.51 2.72
N GLU A 178 23.20 8.17 2.62
CA GLU A 178 24.31 8.92 3.23
C GLU A 178 24.70 9.98 2.21
N PHE A 179 24.92 11.21 2.65
CA PHE A 179 25.32 12.29 1.74
C PHE A 179 26.59 13.01 2.18
N LYS A 180 27.20 13.72 1.24
CA LYS A 180 28.28 14.67 1.50
C LYS A 180 27.63 16.01 1.27
N GLY A 181 27.99 17.02 2.06
CA GLY A 181 27.37 18.35 1.90
C GLY A 181 26.40 18.64 3.01
N SER A 182 25.69 19.77 2.93
CA SER A 182 24.70 20.12 3.96
C SER A 182 23.31 19.48 3.74
N ASP A 183 22.99 19.04 2.52
CA ASP A 183 21.79 18.26 2.26
C ASP A 183 22.06 17.21 1.21
N ALA A 184 21.17 16.21 1.09
CA ALA A 184 21.17 15.26 -0.04
C ALA A 184 20.32 15.84 -1.13
N LEU A 185 20.72 15.60 -2.39
CA LEU A 185 20.01 16.07 -3.57
C LEU A 185 19.68 14.85 -4.42
N LEU A 186 18.42 14.45 -4.33
CA LEU A 186 18.00 13.14 -4.79
C LEU A 186 16.99 13.29 -5.91
N SER A 187 16.88 12.21 -6.67
CA SER A 187 15.90 12.06 -7.75
C SER A 187 15.10 10.72 -7.65
N ASN A 188 15.67 9.68 -7.04
CA ASN A 188 15.02 8.37 -6.99
C ASN A 188 13.89 8.39 -5.99
N THR A 189 12.83 7.67 -6.31
CA THR A 189 11.65 7.58 -5.47
C THR A 189 11.71 6.24 -4.77
N VAL A 190 11.99 6.29 -3.46
CA VAL A 190 11.96 5.11 -2.59
C VAL A 190 11.08 5.40 -1.37
N GLY A 191 10.71 4.34 -0.67
CA GLY A 191 9.97 4.49 0.60
C GLY A 191 8.55 4.02 0.52
N THR A 192 7.78 4.38 1.53
CA THR A 192 6.36 4.05 1.67
C THR A 192 5.46 5.18 1.09
N PRO A 193 4.68 4.88 0.02
CA PRO A 193 3.96 5.94 -0.76
C PRO A 193 3.16 6.97 0.01
N ALA A 194 2.51 6.53 1.09
CA ALA A 194 1.67 7.44 1.93
C ALA A 194 2.45 8.57 2.64
N PHE A 195 3.75 8.37 2.84
CA PHE A 195 4.63 9.30 3.53
C PHE A 195 5.61 9.97 2.56
N MET A 196 5.46 9.75 1.26
CA MET A 196 6.34 10.42 0.28
C MET A 196 5.86 11.81 0.02
N ALA A 197 6.79 12.74 -0.03
CA ALA A 197 6.50 14.16 -0.24
C ALA A 197 6.12 14.43 -1.69
N PRO A 198 5.36 15.50 -1.94
CA PRO A 198 4.95 15.79 -3.30
C PRO A 198 6.06 16.03 -4.35
N GLU A 199 7.06 16.83 -4.00
CA GLU A 199 8.21 17.10 -4.88
C GLU A 199 8.91 15.85 -5.40
N SER A 200 8.82 14.74 -4.67
CA SER A 200 9.37 13.42 -5.09
C SER A 200 8.47 12.57 -6.02
N LEU A 201 7.24 13.02 -6.30
CA LEU A 201 6.27 12.23 -7.08
C LEU A 201 6.00 12.83 -8.45
N SER A 202 6.99 13.51 -9.03
CA SER A 202 6.83 14.08 -10.36
C SER A 202 6.94 12.94 -11.40
N GLU A 203 6.21 13.07 -12.52
CA GLU A 203 6.28 12.10 -13.64
C GLU A 203 7.65 12.22 -14.33
N THR A 204 8.06 13.45 -14.62
CA THR A 204 9.41 13.74 -15.12
C THR A 204 10.41 13.54 -13.99
N ARG A 205 11.62 13.07 -14.30
CA ARG A 205 12.71 13.07 -13.34
C ARG A 205 12.92 14.50 -12.79
N LYS A 206 13.19 14.61 -11.49
CA LYS A 206 13.41 15.90 -10.80
C LYS A 206 14.49 15.76 -9.71
N ILE A 207 14.86 16.86 -9.06
CA ILE A 207 15.85 16.83 -7.98
C ILE A 207 15.21 17.52 -6.80
N PHE A 208 15.31 16.91 -5.62
CA PHE A 208 14.65 17.40 -4.40
C PHE A 208 15.54 17.16 -3.16
N SER A 209 15.43 18.08 -2.21
CA SER A 209 16.06 18.03 -0.92
C SER A 209 15.65 16.81 -0.13
N GLY A 210 16.63 16.01 0.31
CA GLY A 210 16.41 14.85 1.18
C GLY A 210 15.94 15.17 2.59
N LYS A 211 16.38 16.31 3.15
CA LYS A 211 15.98 16.65 4.53
C LYS A 211 14.53 17.05 4.61
N ALA A 212 14.08 17.79 3.62
CA ALA A 212 12.68 18.15 3.49
C ALA A 212 11.78 16.92 3.24
N LEU A 213 12.28 15.91 2.55
CA LEU A 213 11.55 14.65 2.51
C LEU A 213 11.31 14.06 3.91
N ASP A 214 12.37 14.00 4.72
CA ASP A 214 12.25 13.45 6.06
C ASP A 214 11.21 14.24 6.89
N VAL A 215 11.22 15.56 6.75
CA VAL A 215 10.31 16.41 7.49
C VAL A 215 8.85 16.16 7.07
N TRP A 216 8.60 16.07 5.79
CA TRP A 216 7.26 15.77 5.35
C TRP A 216 6.81 14.45 5.95
N ALA A 217 7.68 13.43 5.92
CA ALA A 217 7.30 12.12 6.48
C ALA A 217 7.04 12.19 8.02
N MET A 218 7.80 13.02 8.73
CA MET A 218 7.56 13.28 10.17
C MET A 218 6.16 13.89 10.43
N GLY A 219 5.69 14.69 9.45
CA GLY A 219 4.41 15.33 9.50
C GLY A 219 3.25 14.38 9.24
N VAL A 220 3.43 13.51 8.28
CA VAL A 220 2.44 12.46 8.05
C VAL A 220 2.43 11.56 9.31
N THR A 221 3.62 11.33 9.90
CA THR A 221 3.73 10.52 11.10
C THR A 221 2.99 11.14 12.28
N LEU A 222 3.11 12.45 12.44
CA LEU A 222 2.50 13.15 13.57
C LEU A 222 0.98 13.23 13.35
N TYR A 223 0.56 13.53 12.12
CA TYR A 223 -0.83 13.36 11.75
C TYR A 223 -1.39 11.97 12.16
N CYS A 224 -0.65 10.89 11.88
CA CYS A 224 -1.13 9.53 12.25
C CYS A 224 -1.19 9.38 13.76
N PHE A 225 -0.14 9.79 14.47
CA PHE A 225 -0.07 9.73 15.94
C PHE A 225 -1.43 10.14 16.56
N VAL A 226 -2.01 11.26 16.09
CA VAL A 226 -3.22 11.81 16.71
C VAL A 226 -4.58 11.49 16.07
N PHE A 227 -4.58 11.12 14.78
CA PHE A 227 -5.80 10.76 14.08
C PHE A 227 -5.92 9.27 13.74
N GLY A 228 -4.83 8.51 13.89
CA GLY A 228 -4.85 7.08 13.58
C GLY A 228 -5.04 6.71 12.12
N GLN A 229 -4.93 7.68 11.21
CA GLN A 229 -4.79 7.39 9.78
C GLN A 229 -3.97 8.45 9.08
N CYS A 230 -3.51 8.09 7.89
CA CYS A 230 -2.74 8.98 7.08
C CYS A 230 -3.63 10.06 6.51
N PRO A 231 -3.09 11.27 6.31
CA PRO A 231 -3.79 12.41 5.70
C PRO A 231 -4.22 12.19 4.24
N PHE A 232 -3.43 11.45 3.48
CA PHE A 232 -3.74 11.13 2.09
C PHE A 232 -3.66 9.64 1.95
N MET A 233 -4.76 9.06 1.49
CA MET A 233 -4.84 7.61 1.31
C MET A 233 -5.64 7.22 0.10
N ASP A 234 -5.11 6.22 -0.60
CA ASP A 234 -5.73 5.58 -1.71
C ASP A 234 -5.00 4.29 -1.98
N GLU A 235 -5.73 3.22 -2.31
CA GLU A 235 -5.11 1.95 -2.73
C GLU A 235 -4.46 2.06 -4.14
N ARG A 236 -4.92 3.01 -4.93
CA ARG A 236 -4.40 3.22 -6.27
C ARG A 236 -3.26 4.22 -6.24
N ILE A 237 -2.11 3.78 -6.74
CA ILE A 237 -0.90 4.56 -6.61
C ILE A 237 -0.99 5.95 -7.25
N MET A 238 -1.57 6.07 -8.46
CA MET A 238 -1.63 7.39 -9.09
C MET A 238 -2.70 8.32 -8.51
N CYS A 239 -3.81 7.76 -8.04
CA CYS A 239 -4.74 8.50 -7.20
C CYS A 239 -4.09 8.96 -5.91
N LEU A 240 -3.28 8.12 -5.27
CA LEU A 240 -2.50 8.60 -4.09
C LEU A 240 -1.51 9.74 -4.39
N HIS A 241 -0.70 9.58 -5.41
CA HIS A 241 0.26 10.63 -5.80
C HIS A 241 -0.44 11.96 -6.10
N SER A 242 -1.57 11.86 -6.79
CA SER A 242 -2.37 13.01 -7.17
C SER A 242 -2.90 13.77 -5.95
N LYS A 243 -3.44 13.06 -4.98
CA LYS A 243 -3.88 13.65 -3.71
C LYS A 243 -2.72 14.25 -2.89
N ILE A 244 -1.60 13.54 -2.80
CA ILE A 244 -0.43 14.10 -2.11
C ILE A 244 -0.04 15.46 -2.76
N LYS A 245 0.05 15.46 -4.09
CA LYS A 245 0.46 16.67 -4.80
C LYS A 245 -0.53 17.79 -4.81
N SER A 246 -1.83 17.49 -4.81
CA SER A 246 -2.85 18.51 -5.10
C SER A 246 -4.05 18.61 -4.17
N GLN A 247 -4.21 17.70 -3.22
CA GLN A 247 -5.36 17.76 -2.31
C GLN A 247 -4.95 18.53 -1.07
N ALA A 248 -5.74 19.52 -0.71
CA ALA A 248 -5.43 20.34 0.47
C ALA A 248 -5.62 19.50 1.72
N LEU A 249 -4.87 19.83 2.75
CA LEU A 249 -4.91 19.10 4.03
C LEU A 249 -6.24 19.35 4.73
N GLU A 250 -6.96 18.29 5.08
CA GLU A 250 -8.24 18.42 5.81
C GLU A 250 -8.10 17.71 7.15
N PHE A 251 -8.61 18.33 8.21
CA PHE A 251 -8.60 17.76 9.57
C PHE A 251 -9.99 17.26 9.94
N PRO A 252 -10.12 16.05 10.51
CA PRO A 252 -11.45 15.59 10.89
C PRO A 252 -12.04 16.34 12.09
N ASP A 253 -13.35 16.19 12.28
CA ASP A 253 -14.08 16.81 13.39
C ASP A 253 -13.73 16.17 14.75
N GLN A 254 -13.68 14.84 14.77
CA GLN A 254 -13.19 14.08 15.94
C GLN A 254 -11.94 13.31 15.50
N PRO A 255 -10.82 13.37 16.24
CA PRO A 255 -10.63 14.17 17.43
C PRO A 255 -10.53 15.67 17.15
N ASP A 256 -10.91 16.47 18.15
CA ASP A 256 -10.68 17.91 18.14
C ASP A 256 -9.30 18.13 18.72
N ILE A 257 -8.36 18.54 17.87
CA ILE A 257 -6.96 18.79 18.29
C ILE A 257 -6.67 20.29 18.38
N ALA A 258 -5.76 20.68 19.26
CA ALA A 258 -5.43 22.09 19.44
C ALA A 258 -4.94 22.79 18.16
N GLU A 259 -5.13 24.11 18.11
CA GLU A 259 -4.72 24.90 16.95
C GLU A 259 -3.19 25.01 16.79
N ASP A 260 -2.43 24.88 17.89
CA ASP A 260 -0.96 24.90 17.83
C ASP A 260 -0.46 23.63 17.11
N LEU A 261 -1.12 22.50 17.35
CA LEU A 261 -0.82 21.25 16.69
C LEU A 261 -1.19 21.29 15.21
N LYS A 262 -2.38 21.80 14.89
CA LYS A 262 -2.80 21.96 13.49
C LYS A 262 -1.87 22.83 12.64
N ASP A 263 -1.24 23.79 13.28
CA ASP A 263 -0.33 24.71 12.63
C ASP A 263 0.98 24.02 12.33
N LEU A 264 1.52 23.29 13.29
CA LEU A 264 2.78 22.55 13.07
C LEU A 264 2.64 21.49 11.95
N ILE A 265 1.50 20.80 11.92
CA ILE A 265 1.28 19.73 10.93
C ILE A 265 1.19 20.35 9.55
N THR A 266 0.48 21.48 9.48
CA THR A 266 0.27 22.21 8.24
C THR A 266 1.59 22.74 7.66
N ARG A 267 2.46 23.21 8.55
CA ARG A 267 3.78 23.70 8.17
C ARG A 267 4.72 22.55 7.71
N MET A 268 4.63 21.39 8.37
CA MET A 268 5.38 20.21 7.92
C MET A 268 4.81 19.62 6.64
N LEU A 269 3.49 19.66 6.47
CA LEU A 269 2.88 19.21 5.20
C LEU A 269 2.59 20.35 4.24
N ASP A 270 3.48 21.34 4.23
CA ASP A 270 3.55 22.32 3.19
C ASP A 270 4.02 21.58 1.95
N LYS A 271 3.23 21.63 0.87
CA LYS A 271 3.58 20.98 -0.40
C LYS A 271 4.76 21.65 -1.13
N ASN A 272 5.12 22.87 -0.72
CA ASN A 272 6.29 23.55 -1.28
C ASN A 272 7.53 23.26 -0.39
N PRO A 273 8.47 22.45 -0.90
CA PRO A 273 9.63 22.13 -0.05
C PRO A 273 10.48 23.34 0.33
N GLU A 274 10.42 24.43 -0.41
CA GLU A 274 11.17 25.65 -0.07
C GLU A 274 10.65 26.30 1.21
N SER A 275 9.33 26.40 1.35
CA SER A 275 8.73 27.05 2.52
C SER A 275 8.41 26.09 3.66
N ARG A 276 8.44 24.78 3.40
CA ARG A 276 8.21 23.77 4.46
C ARG A 276 9.12 24.06 5.63
N ILE A 277 8.56 23.92 6.83
CA ILE A 277 9.30 24.10 8.06
C ILE A 277 10.49 23.14 8.14
N VAL A 278 11.57 23.60 8.77
CA VAL A 278 12.78 22.79 8.96
C VAL A 278 12.96 22.43 10.41
N VAL A 279 13.84 21.46 10.64
CA VAL A 279 13.98 20.82 11.95
C VAL A 279 14.39 21.83 13.04
N PRO A 280 15.34 22.74 12.76
CA PRO A 280 15.60 23.82 13.77
C PRO A 280 14.35 24.66 14.14
N GLU A 281 13.46 24.90 13.18
CA GLU A 281 12.22 25.65 13.40
C GLU A 281 11.20 24.80 14.14
N ILE A 282 11.14 23.51 13.82
CA ILE A 282 10.23 22.59 14.51
C ILE A 282 10.48 22.60 16.02
N LYS A 283 11.75 22.44 16.41
CA LYS A 283 12.21 22.54 17.81
C LYS A 283 11.69 23.75 18.60
N LEU A 284 11.62 24.91 17.94
CA LEU A 284 11.14 26.19 18.54
C LEU A 284 9.63 26.41 18.39
N HIS A 285 8.90 25.40 17.93
CA HIS A 285 7.49 25.57 17.71
C HIS A 285 6.78 25.45 19.05
N PRO A 286 5.73 26.26 19.27
CA PRO A 286 5.05 26.25 20.60
C PRO A 286 4.42 24.95 21.02
N TRP A 287 3.86 24.19 20.08
CA TRP A 287 3.35 22.84 20.41
C TRP A 287 4.44 21.96 20.99
N VAL A 288 5.67 22.13 20.51
CA VAL A 288 6.83 21.35 20.96
C VAL A 288 7.38 21.84 22.31
N THR A 289 7.53 23.15 22.46
CA THR A 289 8.18 23.72 23.66
C THR A 289 7.24 23.97 24.85
N ARG A 290 5.92 24.04 24.64
CA ARG A 290 4.96 23.86 25.72
C ARG A 290 4.77 22.36 25.96
N GLN B 3 -32.15 13.40 1.98
CA GLN B 3 -33.12 13.05 0.90
C GLN B 3 -32.77 13.75 -0.42
N LEU B 4 -32.62 12.98 -1.49
CA LEU B 4 -32.31 13.52 -2.83
C LEU B 4 -33.25 12.88 -3.84
N ASN B 5 -34.18 13.67 -4.36
CA ASN B 5 -35.25 13.19 -5.24
C ASN B 5 -35.98 11.99 -4.60
N GLN B 6 -36.18 10.89 -5.34
CA GLN B 6 -36.77 9.68 -4.80
C GLN B 6 -35.99 8.98 -3.67
N TYR B 7 -34.71 9.31 -3.47
CA TYR B 7 -33.83 8.54 -2.60
C TYR B 7 -33.69 9.18 -1.26
N THR B 8 -33.45 8.31 -0.28
CA THR B 8 -33.11 8.70 1.07
C THR B 8 -31.77 8.04 1.37
N LEU B 9 -30.75 8.85 1.63
CA LEU B 9 -29.42 8.32 1.90
C LEU B 9 -29.37 7.79 3.34
N LYS B 10 -28.84 6.59 3.50
CA LYS B 10 -28.65 5.94 4.81
C LYS B 10 -27.13 5.85 5.06
N ASP B 11 -26.66 4.81 5.75
CA ASP B 11 -25.23 4.75 6.14
C ASP B 11 -24.28 4.86 4.97
N GLU B 12 -23.09 5.38 5.26
CA GLU B 12 -21.96 5.27 4.38
C GLU B 12 -21.62 3.79 4.41
N ILE B 13 -21.43 3.22 3.23
CA ILE B 13 -21.00 1.82 3.14
C ILE B 13 -19.54 1.69 2.77
N GLY B 14 -19.01 2.68 2.04
CA GLY B 14 -17.58 2.78 1.87
C GLY B 14 -17.16 4.07 1.22
N LYS B 15 -15.89 4.10 0.85
CA LYS B 15 -15.32 5.22 0.10
C LYS B 15 -14.66 4.65 -1.14
N GLY B 16 -14.71 5.43 -2.22
CA GLY B 16 -13.85 5.19 -3.35
C GLY B 16 -12.66 6.13 -3.23
N SER B 17 -11.98 6.32 -4.36
CA SER B 17 -10.87 7.27 -4.44
C SER B 17 -11.34 8.68 -4.12
N TYR B 18 -12.44 9.10 -4.75
CA TYR B 18 -13.08 10.37 -4.45
C TYR B 18 -14.51 10.13 -3.98
N GLY B 19 -14.96 10.96 -3.05
CA GLY B 19 -16.31 10.86 -2.51
C GLY B 19 -16.61 9.66 -1.65
N VAL B 20 -17.91 9.44 -1.41
CA VAL B 20 -18.39 8.35 -0.56
C VAL B 20 -19.42 7.52 -1.31
N VAL B 21 -19.59 6.28 -0.86
CA VAL B 21 -20.68 5.43 -1.32
C VAL B 21 -21.66 5.18 -0.18
N LYS B 22 -22.90 5.56 -0.40
CA LYS B 22 -23.93 5.46 0.63
C LYS B 22 -25.01 4.52 0.17
N LEU B 23 -25.46 3.69 1.10
CA LEU B 23 -26.69 2.96 0.94
C LEU B 23 -27.82 3.96 0.76
N ALA B 24 -28.70 3.73 -0.21
CA ALA B 24 -29.80 4.62 -0.49
C ALA B 24 -31.11 3.83 -0.68
N TYR B 25 -32.17 4.25 0.00
CA TYR B 25 -33.51 3.65 -0.14
C TYR B 25 -34.27 4.48 -1.14
N ASN B 26 -34.94 3.83 -2.07
CA ASN B 26 -35.73 4.50 -3.09
C ASN B 26 -37.22 4.36 -2.70
N GLU B 27 -37.91 5.49 -2.63
CA GLU B 27 -39.34 5.52 -2.26
C GLU B 27 -40.28 5.13 -3.42
N ASN B 28 -39.96 5.51 -4.66
CA ASN B 28 -40.66 5.01 -5.87
C ASN B 28 -40.64 3.47 -5.94
N ASP B 29 -39.47 2.86 -5.70
CA ASP B 29 -39.24 1.43 -5.91
C ASP B 29 -39.41 0.55 -4.68
N ASN B 30 -39.31 1.09 -3.47
CA ASN B 30 -39.22 0.28 -2.22
C ASN B 30 -38.02 -0.69 -2.24
N THR B 31 -36.87 -0.18 -2.68
CA THR B 31 -35.62 -0.96 -2.73
C THR B 31 -34.37 -0.08 -2.55
N TYR B 32 -33.27 -0.76 -2.25
CA TYR B 32 -32.02 -0.10 -1.88
C TYR B 32 -31.09 -0.06 -3.09
N TYR B 33 -30.31 1.01 -3.14
CA TYR B 33 -29.26 1.23 -4.13
C TYR B 33 -27.96 1.66 -3.44
N ALA B 34 -26.88 1.63 -4.20
CA ALA B 34 -25.60 2.20 -3.74
C ALA B 34 -25.46 3.51 -4.47
N MET B 35 -25.27 4.59 -3.71
CA MET B 35 -25.10 5.90 -4.34
C MET B 35 -23.70 6.43 -4.09
N LYS B 36 -22.94 6.61 -5.18
CA LYS B 36 -21.63 7.26 -5.11
C LYS B 36 -21.89 8.75 -5.11
N VAL B 37 -21.48 9.43 -4.04
CA VAL B 37 -21.62 10.88 -3.92
C VAL B 37 -20.24 11.56 -4.10
N LEU B 38 -20.07 12.29 -5.19
CA LEU B 38 -18.81 13.01 -5.49
C LEU B 38 -18.93 14.53 -5.37
N SER B 39 -18.00 15.14 -4.63
CA SER B 39 -17.86 16.61 -4.59
C SER B 39 -17.05 17.12 -5.78
N LYS B 40 -17.67 17.91 -6.66
CA LYS B 40 -16.96 18.52 -7.82
C LYS B 40 -15.87 19.51 -7.43
N LYS B 41 -16.02 20.19 -6.31
CA LYS B 41 -14.92 20.99 -5.75
C LYS B 41 -13.66 20.11 -5.62
N LYS B 42 -13.78 19.02 -4.87
CA LYS B 42 -12.65 18.11 -4.62
C LYS B 42 -12.10 17.45 -5.90
N LEU B 43 -12.96 17.19 -6.89
CA LEU B 43 -12.51 16.60 -8.17
C LEU B 43 -11.83 17.65 -9.09
N ILE B 44 -12.33 18.90 -9.05
CA ILE B 44 -11.72 20.02 -9.80
C ILE B 44 -10.36 20.49 -9.23
N ARG B 45 -10.01 20.11 -8.00
CA ARG B 45 -8.75 20.59 -7.38
C ARG B 45 -7.48 19.85 -7.85
N GLN B 74 -12.29 12.48 -15.77
CA GLN B 74 -11.92 11.13 -15.27
C GLN B 74 -13.12 10.33 -14.70
N VAL B 75 -14.07 11.06 -14.12
CA VAL B 75 -15.39 10.56 -13.71
C VAL B 75 -16.34 10.38 -14.91
N TYR B 76 -16.20 11.22 -15.93
CA TYR B 76 -17.07 11.19 -17.09
C TYR B 76 -16.68 10.14 -18.13
N GLN B 77 -15.41 9.74 -18.15
CA GLN B 77 -14.97 8.58 -18.93
C GLN B 77 -15.51 7.26 -18.36
N GLU B 78 -15.48 7.13 -17.02
CA GLU B 78 -15.97 5.97 -16.30
C GLU B 78 -17.45 5.82 -16.54
N ILE B 79 -18.16 6.95 -16.45
CA ILE B 79 -19.59 7.02 -16.74
C ILE B 79 -19.90 6.58 -18.16
N ALA B 80 -19.12 7.06 -19.14
CA ALA B 80 -19.31 6.68 -20.54
C ALA B 80 -19.07 5.17 -20.76
N ILE B 81 -18.07 4.63 -20.05
CA ILE B 81 -17.80 3.19 -20.08
C ILE B 81 -18.96 2.41 -19.44
N LEU B 82 -19.36 2.83 -18.23
CA LEU B 82 -20.42 2.14 -17.51
C LEU B 82 -21.72 2.04 -18.28
N LYS B 83 -22.12 3.13 -18.93
CA LYS B 83 -23.31 3.14 -19.80
C LYS B 83 -23.29 2.10 -20.94
N LYS B 84 -22.13 1.76 -21.47
CA LYS B 84 -22.03 0.68 -22.48
C LYS B 84 -22.12 -0.75 -21.91
N LEU B 85 -22.14 -0.95 -20.58
CA LEU B 85 -21.89 -2.28 -20.00
C LEU B 85 -23.09 -2.92 -19.34
N ASP B 86 -23.50 -4.09 -19.86
CA ASP B 86 -24.67 -4.82 -19.39
C ASP B 86 -24.33 -6.29 -19.35
N HIS B 87 -24.03 -6.79 -18.15
CA HIS B 87 -23.60 -8.18 -17.93
C HIS B 87 -23.86 -8.50 -16.47
N PRO B 88 -24.32 -9.74 -16.16
CA PRO B 88 -24.68 -10.05 -14.76
C PRO B 88 -23.49 -10.13 -13.83
N ASN B 89 -22.27 -10.25 -14.39
CA ASN B 89 -21.04 -10.13 -13.61
C ASN B 89 -20.36 -8.75 -13.70
N VAL B 90 -21.12 -7.72 -13.97
CA VAL B 90 -20.58 -6.37 -13.93
C VAL B 90 -21.59 -5.48 -13.23
N VAL B 91 -21.13 -4.65 -12.29
CA VAL B 91 -22.00 -3.63 -11.66
C VAL B 91 -22.77 -2.82 -12.68
N LYS B 92 -24.00 -2.45 -12.31
CA LYS B 92 -24.96 -1.84 -13.20
C LYS B 92 -25.12 -0.41 -12.71
N LEU B 93 -24.90 0.53 -13.60
CA LEU B 93 -25.12 1.95 -13.30
C LEU B 93 -26.55 2.23 -13.70
N VAL B 94 -27.36 2.75 -12.80
CA VAL B 94 -28.77 2.95 -13.14
C VAL B 94 -29.11 4.38 -13.54
N GLU B 95 -28.42 5.36 -12.95
CA GLU B 95 -28.82 6.75 -13.10
C GLU B 95 -27.68 7.63 -12.65
N VAL B 96 -27.40 8.67 -13.43
CA VAL B 96 -26.53 9.75 -13.04
C VAL B 96 -27.35 11.02 -12.78
N LEU B 97 -27.18 11.62 -11.59
CA LEU B 97 -27.75 12.92 -11.25
C LEU B 97 -26.65 13.99 -11.32
N ASP B 98 -26.56 14.66 -12.47
CA ASP B 98 -25.58 15.73 -12.70
C ASP B 98 -26.32 17.07 -12.91
N ASP B 99 -26.44 17.82 -11.82
CA ASP B 99 -27.00 19.16 -11.82
C ASP B 99 -25.84 20.14 -12.17
N PRO B 100 -25.99 20.95 -13.25
CA PRO B 100 -24.93 21.93 -13.54
C PRO B 100 -24.73 23.03 -12.48
N ASN B 101 -25.78 23.34 -11.71
CA ASN B 101 -25.73 24.37 -10.66
C ASN B 101 -25.59 23.82 -9.24
N GLU B 102 -25.33 22.52 -9.08
CA GLU B 102 -24.95 21.94 -7.78
C GLU B 102 -23.48 21.48 -7.78
N ASP B 103 -22.92 21.30 -6.58
CA ASP B 103 -21.53 20.85 -6.38
C ASP B 103 -21.48 19.32 -6.47
N HIS B 104 -22.46 18.64 -5.88
CA HIS B 104 -22.47 17.19 -5.86
C HIS B 104 -22.84 16.60 -7.22
N LEU B 105 -22.16 15.51 -7.59
CA LEU B 105 -22.57 14.66 -8.70
C LEU B 105 -22.86 13.28 -8.09
N TYR B 106 -24.05 12.75 -8.39
CA TYR B 106 -24.49 11.47 -7.85
C TYR B 106 -24.41 10.43 -8.96
N MET B 107 -24.04 9.21 -8.56
CA MET B 107 -24.07 8.08 -9.44
C MET B 107 -24.75 6.94 -8.67
N VAL B 108 -25.83 6.44 -9.25
CA VAL B 108 -26.66 5.43 -8.60
C VAL B 108 -26.36 4.08 -9.25
N PHE B 109 -25.99 3.12 -8.42
CA PHE B 109 -25.73 1.74 -8.83
C PHE B 109 -26.73 0.79 -8.16
N GLU B 110 -26.96 -0.36 -8.80
CA GLU B 110 -27.66 -1.47 -8.15
C GLU B 110 -26.82 -1.94 -6.98
N LEU B 111 -27.45 -2.12 -5.84
CA LEU B 111 -26.74 -2.59 -4.68
C LEU B 111 -26.39 -4.07 -4.84
N VAL B 112 -25.14 -4.38 -4.51
CA VAL B 112 -24.66 -5.75 -4.52
C VAL B 112 -24.49 -6.07 -3.01
N ASN B 113 -25.48 -6.76 -2.47
CA ASN B 113 -25.82 -6.66 -1.05
C ASN B 113 -24.88 -7.34 -0.05
N GLN B 114 -24.08 -8.30 -0.50
CA GLN B 114 -23.12 -8.96 0.39
C GLN B 114 -21.76 -8.30 0.49
N GLY B 115 -21.49 -7.25 -0.29
CA GLY B 115 -20.17 -6.60 -0.24
C GLY B 115 -19.07 -7.42 -0.89
N PRO B 116 -17.79 -7.02 -0.66
CA PRO B 116 -16.65 -7.67 -1.29
C PRO B 116 -16.53 -9.16 -0.96
N VAL B 117 -15.90 -9.91 -1.86
CA VAL B 117 -15.74 -11.35 -1.70
C VAL B 117 -14.83 -11.67 -0.53
N MET B 118 -13.86 -10.81 -0.27
CA MET B 118 -13.05 -10.89 0.96
C MET B 118 -12.23 -9.65 1.24
N GLU B 119 -11.73 -9.60 2.47
CA GLU B 119 -10.74 -8.60 2.91
C GLU B 119 -9.38 -9.27 2.87
N VAL B 120 -8.39 -8.51 2.45
CA VAL B 120 -7.01 -9.00 2.29
C VAL B 120 -6.15 -8.04 3.09
N PRO B 121 -5.22 -8.52 3.93
CA PRO B 121 -5.00 -9.95 4.24
C PRO B 121 -6.08 -10.50 5.13
N THR B 122 -6.27 -11.82 5.10
CA THR B 122 -7.17 -12.51 6.03
C THR B 122 -6.61 -13.87 6.43
N LEU B 123 -6.81 -14.21 7.70
CA LEU B 123 -6.50 -15.56 8.19
C LEU B 123 -7.57 -16.60 7.82
N LYS B 124 -8.75 -16.14 7.38
CA LYS B 124 -9.81 -17.03 6.88
C LYS B 124 -10.01 -16.98 5.35
N PRO B 125 -9.07 -17.55 4.55
CA PRO B 125 -9.27 -17.54 3.08
C PRO B 125 -10.41 -18.41 2.61
N LEU B 126 -10.77 -18.31 1.34
CA LEU B 126 -11.83 -19.15 0.78
C LEU B 126 -11.29 -20.56 0.61
N SER B 127 -12.23 -21.49 0.51
CA SER B 127 -11.89 -22.86 0.15
C SER B 127 -11.64 -22.85 -1.33
N GLU B 128 -10.98 -23.91 -1.79
CA GLU B 128 -10.74 -24.14 -3.22
C GLU B 128 -12.01 -24.14 -4.08
N ASP B 129 -13.10 -24.66 -3.52
CA ASP B 129 -14.40 -24.75 -4.20
C ASP B 129 -15.11 -23.42 -4.26
N GLN B 130 -15.05 -22.65 -3.17
CA GLN B 130 -15.63 -21.31 -3.17
C GLN B 130 -14.82 -20.41 -4.15
N ALA B 131 -13.50 -20.54 -4.11
CA ALA B 131 -12.62 -19.84 -5.03
C ALA B 131 -12.94 -20.15 -6.49
N ARG B 132 -13.20 -21.42 -6.83
CA ARG B 132 -13.52 -21.79 -8.21
C ARG B 132 -14.81 -21.16 -8.68
N PHE B 133 -15.81 -21.14 -7.81
CA PHE B 133 -17.11 -20.58 -8.14
C PHE B 133 -16.99 -19.10 -8.54
N TYR B 134 -16.31 -18.34 -7.68
CA TYR B 134 -16.08 -16.92 -7.94
C TYR B 134 -15.16 -16.71 -9.11
N PHE B 135 -14.15 -17.57 -9.25
CA PHE B 135 -13.20 -17.44 -10.34
C PHE B 135 -13.86 -17.68 -11.71
N GLN B 136 -14.82 -18.58 -11.76
CA GLN B 136 -15.64 -18.77 -12.98
C GLN B 136 -16.44 -17.54 -13.32
N ASP B 137 -17.03 -16.92 -12.33
CA ASP B 137 -17.71 -15.64 -12.56
C ASP B 137 -16.78 -14.54 -13.09
N LEU B 138 -15.59 -14.44 -12.53
CA LEU B 138 -14.57 -13.49 -12.94
C LEU B 138 -14.15 -13.68 -14.38
N ILE B 139 -13.96 -14.93 -14.81
CA ILE B 139 -13.64 -15.24 -16.19
C ILE B 139 -14.74 -14.72 -17.06
N LYS B 140 -15.99 -15.05 -16.71
CA LYS B 140 -17.13 -14.63 -17.54
C LYS B 140 -17.16 -13.09 -17.67
N GLY B 141 -16.95 -12.38 -16.57
CA GLY B 141 -16.98 -10.90 -16.54
C GLY B 141 -15.84 -10.26 -17.33
N ILE B 142 -14.63 -10.76 -17.14
CA ILE B 142 -13.46 -10.23 -17.82
C ILE B 142 -13.53 -10.47 -19.31
N GLU B 143 -14.07 -11.63 -19.67
CA GLU B 143 -14.26 -12.00 -21.05
C GLU B 143 -15.21 -11.01 -21.75
N TYR B 144 -16.32 -10.72 -21.09
CA TYR B 144 -17.23 -9.70 -21.57
C TYR B 144 -16.53 -8.33 -21.70
N LEU B 145 -15.77 -7.95 -20.67
CA LEU B 145 -15.10 -6.66 -20.67
C LEU B 145 -14.11 -6.63 -21.80
N HIS B 146 -13.34 -7.68 -21.99
CA HIS B 146 -12.40 -7.70 -23.10
C HIS B 146 -13.09 -7.71 -24.46
N TYR B 147 -14.25 -8.36 -24.55
CA TYR B 147 -15.05 -8.34 -25.79
C TYR B 147 -15.53 -6.89 -26.07
N GLN B 148 -16.08 -6.20 -25.07
CA GLN B 148 -16.43 -4.77 -25.20
C GLN B 148 -15.26 -3.80 -25.35
N LYS B 149 -14.03 -4.30 -25.47
CA LYS B 149 -12.81 -3.49 -25.56
C LYS B 149 -12.57 -2.58 -24.38
N ILE B 150 -12.73 -3.18 -23.20
CA ILE B 150 -12.40 -2.55 -21.91
C ILE B 150 -11.36 -3.35 -21.16
N ILE B 151 -10.27 -2.70 -20.80
CA ILE B 151 -9.32 -3.23 -19.83
C ILE B 151 -9.67 -2.58 -18.50
N HIS B 152 -10.04 -3.42 -17.53
CA HIS B 152 -10.42 -2.98 -16.17
C HIS B 152 -9.26 -2.28 -15.42
N ARG B 153 -8.09 -2.95 -15.37
CA ARG B 153 -6.82 -2.43 -14.76
C ARG B 153 -6.76 -2.32 -13.24
N ASP B 154 -7.78 -2.81 -12.55
CA ASP B 154 -7.80 -2.85 -11.09
C ASP B 154 -8.60 -4.08 -10.60
N ILE B 155 -8.28 -5.25 -11.16
CA ILE B 155 -8.89 -6.49 -10.73
C ILE B 155 -8.24 -6.90 -9.41
N LYS B 156 -9.10 -7.04 -8.39
CA LYS B 156 -8.65 -7.41 -7.06
C LYS B 156 -9.87 -7.75 -6.21
N PRO B 157 -9.65 -8.45 -5.07
CA PRO B 157 -10.82 -8.97 -4.32
C PRO B 157 -11.78 -7.90 -3.83
N SER B 158 -11.25 -6.76 -3.40
CA SER B 158 -12.10 -5.69 -2.91
C SER B 158 -12.94 -5.03 -4.01
N ASN B 159 -12.60 -5.22 -5.28
CA ASN B 159 -13.51 -4.77 -6.39
C ASN B 159 -14.48 -5.84 -6.94
N LEU B 160 -14.53 -7.00 -6.29
CA LEU B 160 -15.39 -8.09 -6.71
C LEU B 160 -16.49 -8.27 -5.65
N LEU B 161 -17.69 -7.83 -5.99
CA LEU B 161 -18.77 -7.72 -5.01
C LEU B 161 -19.69 -8.90 -5.16
N VAL B 162 -20.01 -9.53 -4.03
CA VAL B 162 -20.90 -10.70 -3.98
C VAL B 162 -22.37 -10.28 -3.92
N GLY B 163 -23.18 -10.72 -4.88
CA GLY B 163 -24.63 -10.40 -4.89
C GLY B 163 -25.55 -11.33 -4.09
N GLU B 164 -26.86 -11.04 -4.17
CA GLU B 164 -27.94 -11.86 -3.58
C GLU B 164 -27.82 -13.36 -3.96
N ASP B 165 -27.62 -13.60 -5.26
CA ASP B 165 -27.50 -14.97 -5.80
C ASP B 165 -26.18 -15.70 -5.50
N GLY B 166 -25.28 -15.12 -4.70
CA GLY B 166 -23.94 -15.69 -4.48
C GLY B 166 -22.89 -15.40 -5.58
N HIS B 167 -23.27 -14.71 -6.66
CA HIS B 167 -22.38 -14.43 -7.78
C HIS B 167 -21.69 -13.07 -7.61
N ILE B 168 -20.57 -12.89 -8.31
CA ILE B 168 -19.78 -11.66 -8.20
C ILE B 168 -20.00 -10.69 -9.35
N LYS B 169 -19.87 -9.42 -9.03
CA LYS B 169 -19.98 -8.35 -9.99
C LYS B 169 -18.67 -7.59 -9.88
N ILE B 170 -18.08 -7.36 -11.04
CA ILE B 170 -16.87 -6.58 -11.14
C ILE B 170 -17.28 -5.13 -11.01
N ALA B 171 -16.66 -4.45 -10.06
CA ALA B 171 -16.91 -3.05 -9.76
C ALA B 171 -15.64 -2.17 -9.94
N ASP B 172 -15.92 -0.87 -9.86
CA ASP B 172 -14.91 0.22 -9.88
C ASP B 172 -14.07 0.35 -11.16
N PHE B 173 -14.68 1.00 -12.16
CA PHE B 173 -14.02 1.24 -13.47
C PHE B 173 -13.28 2.60 -13.48
N GLY B 174 -12.86 3.08 -12.32
CA GLY B 174 -12.24 4.42 -12.22
C GLY B 174 -10.90 4.58 -12.88
N VAL B 175 -10.20 3.48 -13.21
CA VAL B 175 -8.94 3.54 -13.95
C VAL B 175 -8.95 2.65 -15.19
N SER B 176 -10.13 2.25 -15.66
CA SER B 176 -10.21 1.38 -16.83
C SER B 176 -9.87 2.15 -18.12
N ASN B 177 -9.48 1.43 -19.15
CA ASN B 177 -9.18 2.04 -20.42
C ASN B 177 -9.94 1.31 -21.55
N GLU B 178 -10.63 2.11 -22.36
CA GLU B 178 -11.33 1.67 -23.56
C GLU B 178 -10.31 1.70 -24.70
N PHE B 179 -10.29 0.67 -25.54
CA PHE B 179 -9.37 0.63 -26.69
C PHE B 179 -10.10 0.38 -28.01
N LYS B 180 -9.42 0.68 -29.12
CA LYS B 180 -9.82 0.28 -30.46
C LYS B 180 -8.78 -0.75 -30.83
N GLY B 181 -9.15 -1.77 -31.59
CA GLY B 181 -8.19 -2.84 -31.94
C GLY B 181 -8.48 -4.09 -31.14
N SER B 182 -7.63 -5.10 -31.30
CA SER B 182 -7.80 -6.37 -30.55
C SER B 182 -7.19 -6.36 -29.12
N ASP B 183 -6.26 -5.45 -28.85
CA ASP B 183 -5.76 -5.24 -27.48
C ASP B 183 -5.48 -3.77 -27.25
N ALA B 184 -5.34 -3.38 -25.98
CA ALA B 184 -4.84 -2.04 -25.59
C ALA B 184 -3.34 -2.12 -25.47
N LEU B 185 -2.66 -1.04 -25.88
CA LEU B 185 -1.19 -0.96 -25.85
C LEU B 185 -0.81 0.25 -25.04
N LEU B 186 -0.43 -0.03 -23.80
CA LEU B 186 -0.37 0.98 -22.77
C LEU B 186 1.07 1.14 -22.29
N SER B 187 1.32 2.29 -21.71
CA SER B 187 2.58 2.64 -21.06
C SER B 187 2.41 3.19 -19.62
N ASN B 188 1.26 3.80 -19.31
CA ASN B 188 1.04 4.41 -18.01
C ASN B 188 0.80 3.34 -16.96
N THR B 189 1.30 3.60 -15.77
CA THR B 189 1.16 2.66 -14.65
C THR B 189 0.06 3.20 -13.76
N VAL B 190 -1.08 2.53 -13.76
CA VAL B 190 -2.20 2.83 -12.89
C VAL B 190 -2.64 1.56 -12.15
N GLY B 191 -3.44 1.77 -11.10
CA GLY B 191 -4.04 0.68 -10.36
C GLY B 191 -3.40 0.46 -9.01
N THR B 192 -3.61 -0.75 -8.47
CA THR B 192 -3.14 -1.15 -7.16
C THR B 192 -1.81 -1.92 -7.27
N PRO B 193 -0.69 -1.38 -6.71
CA PRO B 193 0.67 -1.93 -6.91
C PRO B 193 0.85 -3.46 -6.75
N ALA B 194 0.16 -4.06 -5.79
CA ALA B 194 0.25 -5.52 -5.51
C ALA B 194 -0.26 -6.41 -6.66
N PHE B 195 -1.14 -5.86 -7.51
CA PHE B 195 -1.76 -6.58 -8.61
C PHE B 195 -1.21 -6.11 -9.96
N MET B 196 -0.19 -5.25 -9.97
CA MET B 196 0.42 -4.81 -11.24
C MET B 196 1.39 -5.82 -11.72
N ALA B 197 1.32 -6.07 -13.03
CA ALA B 197 2.19 -7.06 -13.66
C ALA B 197 3.61 -6.53 -13.81
N PRO B 198 4.59 -7.43 -13.91
CA PRO B 198 5.97 -6.99 -14.01
C PRO B 198 6.33 -6.10 -15.23
N GLU B 199 5.88 -6.48 -16.43
CA GLU B 199 6.14 -5.71 -17.65
C GLU B 199 5.72 -4.24 -17.56
N SER B 200 4.79 -3.92 -16.67
CA SER B 200 4.33 -2.55 -16.39
C SER B 200 5.17 -1.75 -15.38
N LEU B 201 6.16 -2.37 -14.75
CA LEU B 201 6.93 -1.75 -13.65
C LEU B 201 8.36 -1.45 -14.06
N SER B 202 8.62 -1.24 -15.34
CA SER B 202 9.98 -0.92 -15.77
C SER B 202 10.30 0.54 -15.42
N GLU B 203 11.57 0.82 -15.13
CA GLU B 203 12.06 2.20 -14.86
C GLU B 203 11.96 3.06 -16.12
N THR B 204 12.46 2.52 -17.23
CA THR B 204 12.29 3.14 -18.56
C THR B 204 10.83 3.00 -18.98
N ARG B 205 10.30 3.99 -19.69
CA ARG B 205 9.00 3.87 -20.33
C ARG B 205 8.98 2.62 -21.24
N LYS B 206 7.85 1.92 -21.24
CA LYS B 206 7.65 0.70 -22.04
C LYS B 206 6.20 0.63 -22.56
N ILE B 207 5.92 -0.37 -23.41
CA ILE B 207 4.59 -0.55 -23.95
C ILE B 207 4.24 -2.00 -23.66
N PHE B 208 3.02 -2.24 -23.17
CA PHE B 208 2.58 -3.56 -22.72
C PHE B 208 1.09 -3.77 -23.02
N SER B 209 0.75 -5.01 -23.31
CA SER B 209 -0.58 -5.49 -23.53
C SER B 209 -1.45 -5.30 -22.30
N GLY B 210 -2.58 -4.63 -22.48
CA GLY B 210 -3.58 -4.45 -21.44
C GLY B 210 -4.33 -5.71 -21.03
N LYS B 211 -4.55 -6.65 -21.94
CA LYS B 211 -5.28 -7.88 -21.58
C LYS B 211 -4.47 -8.80 -20.69
N ALA B 212 -3.18 -8.88 -21.00
CA ALA B 212 -2.25 -9.60 -20.16
C ALA B 212 -2.08 -8.97 -18.77
N LEU B 213 -2.20 -7.65 -18.65
CA LEU B 213 -2.29 -7.04 -17.36
C LEU B 213 -3.47 -7.57 -16.54
N ASP B 214 -4.65 -7.58 -17.16
CA ASP B 214 -5.83 -8.04 -16.46
C ASP B 214 -5.65 -9.51 -16.00
N VAL B 215 -5.05 -10.35 -16.84
CA VAL B 215 -4.85 -11.74 -16.49
C VAL B 215 -3.90 -11.89 -15.30
N TRP B 216 -2.79 -11.16 -15.30
CA TRP B 216 -1.92 -11.20 -14.17
C TRP B 216 -2.67 -10.82 -12.90
N ALA B 217 -3.47 -9.76 -12.96
CA ALA B 217 -4.23 -9.32 -11.79
C ALA B 217 -5.27 -10.40 -11.32
N MET B 218 -5.88 -11.09 -12.27
CA MET B 218 -6.80 -12.22 -11.97
C MET B 218 -6.07 -13.36 -11.19
N GLY B 219 -4.79 -13.53 -11.50
CA GLY B 219 -3.94 -14.52 -10.88
C GLY B 219 -3.53 -14.15 -9.47
N VAL B 220 -3.20 -12.89 -9.26
CA VAL B 220 -2.95 -12.42 -7.91
C VAL B 220 -4.26 -12.52 -7.13
N THR B 221 -5.39 -12.24 -7.78
CA THR B 221 -6.69 -12.34 -7.14
C THR B 221 -7.01 -13.76 -6.73
N LEU B 222 -6.69 -14.72 -7.57
CA LEU B 222 -7.00 -16.13 -7.29
C LEU B 222 -6.05 -16.65 -6.21
N TYR B 223 -4.76 -16.31 -6.31
CA TYR B 223 -3.86 -16.50 -5.20
C TYR B 223 -4.44 -15.99 -3.85
N CYS B 224 -4.99 -14.78 -3.83
CA CYS B 224 -5.56 -14.24 -2.57
C CYS B 224 -6.77 -15.04 -2.12
N PHE B 225 -7.69 -15.33 -3.05
CA PHE B 225 -8.89 -16.14 -2.78
C PHE B 225 -8.54 -17.33 -1.85
N VAL B 226 -7.46 -18.06 -2.16
CA VAL B 226 -7.13 -19.29 -1.43
C VAL B 226 -6.07 -19.21 -0.32
N PHE B 227 -5.23 -18.19 -0.34
CA PHE B 227 -4.19 -18.00 0.68
C PHE B 227 -4.45 -16.81 1.61
N GLY B 228 -5.40 -15.93 1.26
CA GLY B 228 -5.69 -14.76 2.07
C GLY B 228 -4.58 -13.71 2.18
N GLN B 229 -3.56 -13.83 1.31
CA GLN B 229 -2.55 -12.79 1.15
C GLN B 229 -2.12 -12.70 -0.31
N CYS B 230 -1.59 -11.56 -0.68
CA CYS B 230 -0.99 -11.37 -1.98
C CYS B 230 0.31 -12.11 -2.07
N PRO B 231 0.66 -12.64 -3.26
CA PRO B 231 1.92 -13.36 -3.53
C PRO B 231 3.20 -12.57 -3.34
N PHE B 232 3.15 -11.27 -3.64
CA PHE B 232 4.26 -10.35 -3.47
C PHE B 232 3.74 -9.19 -2.66
N MET B 233 4.42 -8.91 -1.54
CA MET B 233 4.03 -7.82 -0.66
C MET B 233 5.21 -7.14 -0.05
N ASP B 234 5.11 -5.81 0.02
CA ASP B 234 6.04 -4.94 0.69
C ASP B 234 5.40 -3.60 0.84
N GLU B 235 5.59 -2.94 1.98
CA GLU B 235 5.09 -1.57 2.14
C GLU B 235 5.95 -0.52 1.42
N ARG B 236 7.15 -0.89 1.01
CA ARG B 236 8.01 -0.02 0.19
C ARG B 236 7.77 -0.30 -1.27
N ILE B 237 7.38 0.73 -2.00
CA ILE B 237 7.03 0.60 -3.40
C ILE B 237 8.12 -0.02 -4.28
N MET B 238 9.38 0.39 -4.13
CA MET B 238 10.43 -0.17 -5.00
C MET B 238 10.85 -1.59 -4.63
N CYS B 239 10.83 -1.91 -3.33
CA CYS B 239 10.94 -3.31 -2.91
C CYS B 239 9.77 -4.14 -3.43
N LEU B 240 8.54 -3.60 -3.44
CA LEU B 240 7.43 -4.34 -4.07
C LEU B 240 7.62 -4.57 -5.59
N HIS B 241 7.93 -3.53 -6.32
CA HIS B 241 8.19 -3.69 -7.76
C HIS B 241 9.28 -4.73 -8.06
N SER B 242 10.34 -4.68 -7.27
CA SER B 242 11.47 -5.57 -7.40
C SER B 242 11.07 -7.06 -7.20
N LYS B 243 10.29 -7.33 -6.18
CA LYS B 243 9.76 -8.68 -5.95
C LYS B 243 8.79 -9.14 -7.03
N ILE B 244 7.89 -8.25 -7.46
CA ILE B 244 7.00 -8.60 -8.60
C ILE B 244 7.85 -9.01 -9.82
N LYS B 245 8.85 -8.20 -10.16
CA LYS B 245 9.66 -8.45 -11.32
C LYS B 245 10.59 -9.63 -11.21
N SER B 246 11.11 -9.92 -10.03
CA SER B 246 12.23 -10.86 -9.91
C SER B 246 12.12 -11.98 -8.86
N GLN B 247 11.10 -11.98 -8.01
CA GLN B 247 10.98 -13.01 -6.99
C GLN B 247 10.11 -14.11 -7.51
N ALA B 248 10.61 -15.34 -7.42
CA ALA B 248 9.87 -16.51 -7.88
C ALA B 248 8.65 -16.70 -7.01
N LEU B 249 7.61 -17.27 -7.59
CA LEU B 249 6.35 -17.50 -6.90
C LEU B 249 6.54 -18.61 -5.88
N GLU B 250 6.19 -18.33 -4.62
CA GLU B 250 6.34 -19.34 -3.55
C GLU B 250 4.95 -19.61 -2.99
N PHE B 251 4.63 -20.89 -2.79
CA PHE B 251 3.36 -21.33 -2.21
C PHE B 251 3.59 -21.74 -0.75
N PRO B 252 2.73 -21.28 0.17
CA PRO B 252 2.88 -21.73 1.55
C PRO B 252 2.52 -23.21 1.76
N ASP B 253 2.95 -23.75 2.89
CA ASP B 253 2.71 -25.17 3.23
C ASP B 253 1.24 -25.41 3.62
N GLN B 254 0.69 -24.50 4.43
CA GLN B 254 -0.74 -24.45 4.73
C GLN B 254 -1.27 -23.11 4.17
N PRO B 255 -2.37 -23.09 3.39
CA PRO B 255 -3.12 -24.27 2.96
C PRO B 255 -2.41 -25.11 1.92
N ASP B 256 -2.72 -26.42 1.91
CA ASP B 256 -2.28 -27.34 0.88
C ASP B 256 -3.32 -27.26 -0.23
N ILE B 257 -2.93 -26.70 -1.37
CA ILE B 257 -3.83 -26.59 -2.55
C ILE B 257 -3.45 -27.60 -3.62
N ALA B 258 -4.44 -28.05 -4.38
CA ALA B 258 -4.20 -29.03 -5.45
C ALA B 258 -3.20 -28.56 -6.52
N GLU B 259 -2.57 -29.52 -7.18
CA GLU B 259 -1.60 -29.26 -8.25
C GLU B 259 -2.21 -28.61 -9.50
N ASP B 260 -3.50 -28.86 -9.79
CA ASP B 260 -4.14 -28.22 -10.95
C ASP B 260 -4.31 -26.71 -10.70
N LEU B 261 -4.60 -26.35 -9.46
CA LEU B 261 -4.69 -24.95 -9.05
C LEU B 261 -3.34 -24.26 -9.06
N LYS B 262 -2.30 -24.92 -8.53
CA LYS B 262 -0.94 -24.37 -8.56
C LYS B 262 -0.41 -24.10 -9.96
N ASP B 263 -0.84 -24.91 -10.92
CA ASP B 263 -0.44 -24.79 -12.30
C ASP B 263 -1.12 -23.61 -12.94
N LEU B 264 -2.42 -23.45 -12.73
CA LEU B 264 -3.15 -22.30 -13.28
C LEU B 264 -2.60 -20.96 -12.75
N ILE B 265 -2.29 -20.90 -11.46
CA ILE B 265 -1.81 -19.66 -10.83
C ILE B 265 -0.45 -19.31 -11.40
N THR B 266 0.38 -20.33 -11.54
CA THR B 266 1.74 -20.20 -12.06
C THR B 266 1.74 -19.71 -13.51
N ARG B 267 0.79 -20.20 -14.30
CA ARG B 267 0.64 -19.80 -15.70
C ARG B 267 0.10 -18.36 -15.82
N MET B 268 -0.81 -17.97 -14.94
CA MET B 268 -1.29 -16.60 -14.89
C MET B 268 -0.24 -15.64 -14.34
N LEU B 269 0.55 -16.09 -13.37
CA LEU B 269 1.66 -15.26 -12.85
C LEU B 269 3.00 -15.59 -13.48
N ASP B 270 2.97 -15.94 -14.76
CA ASP B 270 4.14 -15.98 -15.59
C ASP B 270 4.57 -14.53 -15.75
N LYS B 271 5.82 -14.24 -15.36
CA LYS B 271 6.38 -12.88 -15.47
C LYS B 271 6.63 -12.45 -16.92
N ASN B 272 6.61 -13.40 -17.86
CA ASN B 272 6.76 -13.10 -19.28
C ASN B 272 5.34 -12.94 -19.91
N PRO B 273 4.96 -11.69 -20.25
CA PRO B 273 3.63 -11.52 -20.80
C PRO B 273 3.39 -12.26 -22.14
N GLU B 274 4.45 -12.61 -22.87
CA GLU B 274 4.32 -13.36 -24.11
C GLU B 274 3.83 -14.78 -23.88
N SER B 275 4.38 -15.45 -22.88
CA SER B 275 3.98 -16.85 -22.59
C SER B 275 2.87 -16.98 -21.57
N ARG B 276 2.53 -15.89 -20.86
CA ARG B 276 1.42 -15.90 -19.90
C ARG B 276 0.17 -16.46 -20.54
N ILE B 277 -0.54 -17.30 -19.80
CA ILE B 277 -1.82 -17.83 -20.23
C ILE B 277 -2.82 -16.72 -20.58
N VAL B 278 -3.67 -17.00 -21.57
CA VAL B 278 -4.72 -16.05 -22.00
C VAL B 278 -6.09 -16.58 -21.63
N VAL B 279 -7.06 -15.68 -21.68
CA VAL B 279 -8.40 -15.94 -21.19
C VAL B 279 -9.07 -17.16 -21.89
N PRO B 280 -8.96 -17.25 -23.23
CA PRO B 280 -9.45 -18.48 -23.89
C PRO B 280 -8.84 -19.81 -23.36
N GLU B 281 -7.56 -19.77 -22.98
CA GLU B 281 -6.85 -20.93 -22.42
C GLU B 281 -7.28 -21.16 -20.97
N ILE B 282 -7.49 -20.09 -20.21
CA ILE B 282 -7.94 -20.20 -18.83
C ILE B 282 -9.26 -20.99 -18.76
N LYS B 283 -10.24 -20.58 -19.57
CA LYS B 283 -11.53 -21.27 -19.74
C LYS B 283 -11.44 -22.81 -19.91
N LEU B 284 -10.46 -23.27 -20.67
CA LEU B 284 -10.21 -24.71 -20.93
C LEU B 284 -9.30 -25.40 -19.91
N HIS B 285 -8.96 -24.72 -18.81
CA HIS B 285 -7.99 -25.26 -17.89
C HIS B 285 -8.70 -26.24 -17.00
N PRO B 286 -8.04 -27.37 -16.64
CA PRO B 286 -8.74 -28.42 -15.87
C PRO B 286 -9.26 -28.00 -14.50
N TRP B 287 -8.55 -27.13 -13.79
CA TRP B 287 -9.06 -26.59 -12.53
C TRP B 287 -10.40 -25.89 -12.71
N VAL B 288 -10.58 -25.26 -13.86
CA VAL B 288 -11.82 -24.54 -14.19
C VAL B 288 -12.95 -25.50 -14.65
N THR B 289 -12.62 -26.43 -15.55
CA THR B 289 -13.63 -27.29 -16.20
C THR B 289 -13.99 -28.57 -15.45
N ARG B 290 -13.13 -29.05 -14.55
CA ARG B 290 -13.49 -30.17 -13.66
C ARG B 290 -14.27 -29.63 -12.44
C4 E5J C . 5.29 -8.06 18.33
C14 E5J C . 11.24 -4.71 12.43
C5 E5J C . 4.79 -5.94 16.98
C6 E5J C . 7.11 -6.40 17.85
C11 E5J C . 9.04 -6.30 19.30
C7 E5J C . 1.82 -8.93 15.54
C8 E5J C . 1.07 -9.01 17.84
C9 E5J C . 7.75 -6.72 19.06
C10 E5J C . 7.79 -5.63 16.90
C12 E5J C . 9.08 -5.22 17.12
C13 E5J C . 9.71 -5.56 18.32
N1 E5J C . 5.81 -6.81 17.66
N2 E5J C . 1.77 -8.21 16.81
C3 E5J C . 3.70 -6.71 16.29
N3 E5J C . 11.03 -5.17 18.66
CL1 E5J C . 15.47 -4.07 15.19
P1 E5J C . 12.32 -3.52 11.64
O1 E5J C . 9.75 -6.59 20.43
O2 E5J C . 12.22 -3.65 10.16
N4 E5J C . 12.67 -4.99 14.40
N5 E5J C . 11.89 -5.09 16.57
N6 E5J C . 13.24 -4.51 18.46
C1 E5J C . 3.06 -7.67 17.27
C2 E5J C . 4.11 -8.70 17.63
C15 E5J C . 12.09 -4.92 17.89
C16 E5J C . 11.47 -5.30 13.69
C17 E5J C . 9.10 -7.27 21.51
C18 E5J C . 11.58 -1.95 12.10
C19 E5J C . 14.08 -3.54 11.99
C20 E5J C . 10.09 -5.03 11.69
C21 E5J C . 12.89 -4.81 15.74
C22 E5J C . 10.52 -6.21 14.15
C23 E5J C . 9.15 -5.91 12.21
C24 E5J C . 9.38 -6.51 13.43
C25 E5J C . 14.13 -4.40 16.26
C26 E5J C . 14.27 -4.28 17.62
C4 E5J D . -20.45 -3.06 4.35
C14 E5J D . -17.48 0.45 -3.41
C5 E5J D . -18.28 -3.80 3.25
C6 E5J D . -20.31 -3.17 1.82
C11 E5J D . -22.33 -3.35 0.49
C7 E5J D . -16.24 -2.51 6.92
C8 E5J D . -18.02 -3.63 8.12
C9 E5J D . -21.68 -3.41 1.72
C10 E5J D . -19.58 -2.89 0.64
C12 E5J D . -20.22 -2.84 -0.58
C13 E5J D . -21.60 -3.06 -0.66
N1 E5J D . -19.68 -3.27 3.07
N2 E5J D . -17.67 -2.81 6.95
C3 E5J D . -17.53 -3.14 4.38
N3 E5J D . -22.33 -3.02 -1.88
CL1 E5J D . -21.35 0.05 -6.68
P1 E5J D . -16.79 0.42 -5.09
O1 E5J D . -23.67 -3.53 0.34
O2 E5J D . -15.54 1.23 -5.15
N4 E5J D . -19.81 0.14 -4.06
N5 E5J D . -21.10 -1.45 -3.01
N6 E5J D . -22.97 -2.49 -4.06
C1 E5J D . -18.31 -3.26 5.69
C2 E5J D . -19.64 -2.53 5.51
C15 E5J D . -22.14 -2.31 -3.02
C16 E5J D . -18.84 0.29 -3.07
C17 E5J D . -24.50 -3.76 1.48
C18 E5J D . -16.32 -1.28 -5.41
C19 E5J D . -17.85 1.09 -6.35
C20 E5J D . -16.52 0.60 -2.40
C21 E5J D . -20.85 -0.75 -4.11
C22 E5J D . -19.20 0.31 -1.72
C23 E5J D . -16.90 0.58 -1.07
C24 E5J D . -18.24 0.47 -0.74
C25 E5J D . -21.66 -0.87 -5.23
C26 E5J D . -22.72 -1.77 -5.17
NA NA E . -10.97 -29.95 -9.76
#